data_7RN8
#
_entry.id   7RN8
#
_cell.length_a   50.266
_cell.length_b   67.626
_cell.length_c   82.366
_cell.angle_alpha   90.000
_cell.angle_beta   91.042
_cell.angle_gamma   90.000
#
_symmetry.space_group_name_H-M   'P 1 21 1'
#
loop_
_entity.id
_entity.type
_entity.pdbx_description
1 polymer 'Caspase-3 subunit p17'
2 polymer 'Caspase-3 subunit p12'
3 polymer Ac-VD(Orn)VD-CHO
4 water water
#
loop_
_entity_poly.entity_id
_entity_poly.type
_entity_poly.pdbx_seq_one_letter_code
_entity_poly.pdbx_strand_id
1 'polypeptide(L)'
;DNSYKMDYPEMGLCIIINNKNFHKSTGMTSRSGTDVDAANLRETFRNLKYEVRNKNDLTREEIVELMRDVSKEDHSKRSS
FVCVLLSHGEEGIIFGTNGPVDLKKITNFFRGDRCRSLTGKPKLFIIQACRGTELDCGIET
;
A,C
2 'polypeptide(L)'
;CHKIPVEADFLYAYSTAPGYYSWRNSKDGSWFIQSLCAMLKQYADKLEFMHILTRVNRKVATEFESFSFDATFHAKKQIP
CIVSMLTKELYFYHH
;
B,D
3 'polypeptide(L)' (ACE)VD(ORN)V(ASA) F,G
#
loop_
_chem_comp.id
_chem_comp.type
_chem_comp.name
_chem_comp.formula
ACE non-polymer 'ACETYL GROUP' 'C2 H4 O'
#
# COMPACT_ATOMS: atom_id res chain seq x y z
N ASP A 1 -6.04 -16.77 14.49
CA ASP A 1 -4.86 -17.12 13.71
C ASP A 1 -4.19 -15.85 13.21
N ASN A 2 -2.99 -15.57 13.71
CA ASN A 2 -2.33 -14.30 13.43
C ASN A 2 -1.17 -14.42 12.45
N SER A 3 -0.78 -15.64 12.03
CA SER A 3 0.28 -15.86 11.06
C SER A 3 -0.17 -16.88 10.02
N TYR A 4 0.12 -16.61 8.75
CA TYR A 4 -0.21 -17.54 7.70
C TYR A 4 0.46 -18.88 7.94
N LYS A 5 -0.25 -19.96 7.61
CA LYS A 5 0.31 -21.31 7.69
C LYS A 5 1.30 -21.51 6.53
N MET A 6 2.57 -21.67 6.90
CA MET A 6 3.70 -21.76 5.98
C MET A 6 4.36 -23.14 6.00
N ASP A 7 3.70 -24.13 6.59
CA ASP A 7 4.25 -25.49 6.69
C ASP A 7 3.46 -26.45 5.82
N TYR A 8 2.89 -25.96 4.70
CA TYR A 8 2.36 -26.87 3.70
C TYR A 8 3.54 -27.65 3.13
N PRO A 9 3.30 -28.73 2.37
CA PRO A 9 4.44 -29.48 1.79
C PRO A 9 5.39 -28.60 0.97
N GLU A 10 4.88 -27.59 0.27
CA GLU A 10 5.70 -26.74 -0.58
C GLU A 10 5.46 -25.29 -0.21
N MET A 11 6.53 -24.49 -0.25
CA MET A 11 6.38 -23.04 -0.02
C MET A 11 5.51 -22.40 -1.12
N GLY A 12 5.65 -22.87 -2.35
CA GLY A 12 4.86 -22.40 -3.46
C GLY A 12 5.71 -22.04 -4.67
N LEU A 13 5.05 -21.51 -5.69
CA LEU A 13 5.73 -21.06 -6.89
C LEU A 13 6.24 -19.63 -6.76
N CYS A 14 7.36 -19.35 -7.43
CA CYS A 14 7.87 -18.00 -7.58
C CYS A 14 8.08 -17.81 -9.08
N ILE A 15 7.18 -17.08 -9.70
CA ILE A 15 7.16 -16.84 -11.14
C ILE A 15 7.87 -15.53 -11.38
N ILE A 16 8.96 -15.55 -12.16
CA ILE A 16 9.74 -14.35 -12.43
C ILE A 16 9.61 -14.02 -13.91
N ILE A 17 8.98 -12.90 -14.21
N ILE A 17 8.97 -12.90 -14.23
CA ILE A 17 8.83 -12.39 -15.58
CA ILE A 17 8.84 -12.46 -15.63
C ILE A 17 9.91 -11.33 -15.77
C ILE A 17 9.85 -11.34 -15.85
N ASN A 18 10.87 -11.60 -16.66
CA ASN A 18 12.00 -10.70 -16.84
C ASN A 18 11.97 -10.19 -18.28
N ASN A 19 11.47 -8.97 -18.49
CA ASN A 19 11.41 -8.40 -19.83
C ASN A 19 12.56 -7.41 -20.01
N LYS A 20 13.52 -7.77 -20.86
CA LYS A 20 14.70 -6.96 -21.13
C LYS A 20 14.65 -6.28 -22.49
N ASN A 21 14.21 -6.98 -23.53
CA ASN A 21 14.26 -6.50 -24.90
C ASN A 21 12.85 -6.29 -25.44
N PHE A 22 12.55 -5.07 -25.84
CA PHE A 22 11.21 -4.69 -26.27
C PHE A 22 11.19 -4.47 -27.77
N HIS A 23 10.07 -4.83 -28.40
CA HIS A 23 9.88 -4.54 -29.82
C HIS A 23 10.17 -3.07 -30.09
N LYS A 24 11.04 -2.80 -31.09
CA LYS A 24 11.38 -1.41 -31.37
C LYS A 24 10.14 -0.57 -31.67
N SER A 25 9.08 -1.18 -32.19
CA SER A 25 7.85 -0.44 -32.48
C SER A 25 7.22 0.16 -31.24
N THR A 26 7.58 -0.32 -30.04
CA THR A 26 7.05 0.28 -28.82
C THR A 26 7.81 1.53 -28.39
N GLY A 27 9.00 1.74 -28.94
CA GLY A 27 9.83 2.83 -28.48
C GLY A 27 10.50 2.64 -27.14
N MET A 28 10.40 1.46 -26.53
CA MET A 28 10.94 1.28 -25.18
C MET A 28 12.38 0.80 -25.22
N THR A 29 13.16 1.30 -24.28
CA THR A 29 14.59 1.02 -24.21
C THR A 29 14.83 -0.37 -23.63
N SER A 30 15.98 -0.95 -24.00
CA SER A 30 16.44 -2.20 -23.41
C SER A 30 16.77 -2.01 -21.94
N ARG A 31 16.38 -2.98 -21.09
CA ARG A 31 16.47 -2.78 -19.63
C ARG A 31 17.74 -3.43 -19.09
N SER A 32 18.86 -2.80 -19.43
CA SER A 32 20.17 -3.26 -18.97
C SER A 32 20.21 -3.36 -17.45
N GLY A 33 20.64 -4.50 -16.94
CA GLY A 33 20.68 -4.75 -15.52
C GLY A 33 19.65 -5.74 -15.03
N THR A 34 18.60 -5.98 -15.82
CA THR A 34 17.51 -6.82 -15.34
C THR A 34 17.91 -8.30 -15.27
N ASP A 35 18.85 -8.74 -16.10
CA ASP A 35 19.30 -10.13 -15.95
C ASP A 35 19.97 -10.34 -14.60
N VAL A 36 20.67 -9.32 -14.10
CA VAL A 36 21.26 -9.41 -12.77
C VAL A 36 20.16 -9.52 -11.72
N ASP A 37 19.10 -8.73 -11.85
CA ASP A 37 17.95 -8.84 -10.95
C ASP A 37 17.36 -10.25 -10.98
N ALA A 38 17.11 -10.75 -12.19
CA ALA A 38 16.39 -12.01 -12.33
C ALA A 38 17.17 -13.15 -11.70
N ALA A 39 18.51 -13.15 -11.87
CA ALA A 39 19.33 -14.19 -11.26
C ALA A 39 19.41 -14.03 -9.75
N ASN A 40 19.43 -12.77 -9.28
CA ASN A 40 19.43 -12.53 -7.84
C ASN A 40 18.15 -13.06 -7.21
N LEU A 41 17.02 -12.81 -7.86
CA LEU A 41 15.73 -13.27 -7.35
C LEU A 41 15.65 -14.79 -7.35
N ARG A 42 16.08 -15.42 -8.44
CA ARG A 42 16.07 -16.87 -8.50
C ARG A 42 16.84 -17.49 -7.33
N GLU A 43 18.05 -16.99 -7.07
CA GLU A 43 18.84 -17.52 -5.97
C GLU A 43 18.17 -17.24 -4.62
N THR A 44 17.61 -16.04 -4.45
CA THR A 44 16.99 -15.66 -3.18
C THR A 44 15.79 -16.53 -2.86
N PHE A 45 14.89 -16.71 -3.82
CA PHE A 45 13.72 -17.51 -3.55
C PHE A 45 14.01 -19.00 -3.55
N ARG A 46 15.04 -19.44 -4.29
CA ARG A 46 15.54 -20.82 -4.15
C ARG A 46 15.92 -21.11 -2.71
N ASN A 47 16.68 -20.22 -2.08
CA ASN A 47 17.03 -20.46 -0.68
C ASN A 47 15.85 -20.32 0.26
N LEU A 48 14.73 -19.75 -0.19
CA LEU A 48 13.53 -19.77 0.62
C LEU A 48 12.64 -20.98 0.33
N LYS A 49 13.08 -21.89 -0.54
CA LYS A 49 12.41 -23.16 -0.86
C LYS A 49 11.19 -22.95 -1.75
N TYR A 50 11.21 -21.90 -2.56
CA TYR A 50 10.20 -21.72 -3.60
C TYR A 50 10.63 -22.45 -4.87
N GLU A 51 9.64 -22.98 -5.58
CA GLU A 51 9.83 -23.52 -6.92
C GLU A 51 9.86 -22.33 -7.88
N VAL A 52 11.05 -21.96 -8.34
CA VAL A 52 11.23 -20.75 -9.15
C VAL A 52 11.07 -21.09 -10.63
N ARG A 53 10.31 -20.28 -11.35
CA ARG A 53 10.19 -20.40 -12.80
C ARG A 53 10.52 -19.04 -13.42
N ASN A 54 11.62 -18.95 -14.17
CA ASN A 54 12.03 -17.73 -14.85
C ASN A 54 11.51 -17.74 -16.28
N LYS A 55 10.76 -16.71 -16.66
CA LYS A 55 10.34 -16.54 -18.04
C LYS A 55 10.91 -15.21 -18.53
N ASN A 56 11.42 -15.19 -19.78
CA ASN A 56 12.10 -14.03 -20.35
C ASN A 56 11.38 -13.48 -21.58
N ASP A 57 11.43 -12.16 -21.73
CA ASP A 57 10.87 -11.42 -22.86
C ASP A 57 9.52 -11.94 -23.35
N LEU A 58 8.47 -11.77 -22.54
CA LEU A 58 7.14 -12.22 -22.89
C LEU A 58 6.31 -11.09 -23.47
N THR A 59 5.54 -11.41 -24.51
CA THR A 59 4.57 -10.46 -25.01
C THR A 59 3.46 -10.28 -23.99
N ARG A 60 2.65 -9.25 -24.18
CA ARG A 60 1.48 -9.06 -23.32
C ARG A 60 0.56 -10.27 -23.38
N GLU A 61 0.41 -10.88 -24.56
CA GLU A 61 -0.37 -12.10 -24.70
C GLU A 61 0.23 -13.25 -23.89
N GLU A 62 1.55 -13.44 -23.97
CA GLU A 62 2.15 -14.55 -23.24
C GLU A 62 2.10 -14.33 -21.74
N ILE A 63 2.15 -13.08 -21.29
CA ILE A 63 2.03 -12.80 -19.87
C ILE A 63 0.65 -13.23 -19.37
N VAL A 64 -0.39 -12.84 -20.09
CA VAL A 64 -1.75 -13.17 -19.68
C VAL A 64 -1.97 -14.67 -19.71
N GLU A 65 -1.46 -15.36 -20.73
CA GLU A 65 -1.66 -16.80 -20.82
C GLU A 65 -0.89 -17.54 -19.73
N LEU A 66 0.34 -17.10 -19.45
CA LEU A 66 1.10 -17.70 -18.35
C LEU A 66 0.35 -17.57 -17.04
N MET A 67 -0.10 -16.35 -16.72
CA MET A 67 -0.79 -16.11 -15.46
C MET A 67 -2.07 -16.92 -15.38
N ARG A 68 -2.85 -16.94 -16.46
CA ARG A 68 -4.05 -17.78 -16.49
C ARG A 68 -3.72 -19.24 -16.18
N ASP A 69 -2.75 -19.80 -16.90
CA ASP A 69 -2.36 -21.20 -16.68
C ASP A 69 -1.91 -21.44 -15.25
N VAL A 70 -1.03 -20.58 -14.72
CA VAL A 70 -0.52 -20.78 -13.36
C VAL A 70 -1.66 -20.73 -12.35
N SER A 71 -2.61 -19.79 -12.53
CA SER A 71 -3.73 -19.69 -11.60
C SER A 71 -4.65 -20.90 -11.64
N LYS A 72 -4.60 -21.70 -12.71
CA LYS A 72 -5.44 -22.89 -12.82
C LYS A 72 -4.72 -24.16 -12.40
N GLU A 73 -3.44 -24.06 -12.02
CA GLU A 73 -2.76 -25.17 -11.39
C GLU A 73 -3.39 -25.49 -10.05
N ASP A 74 -3.09 -26.68 -9.52
CA ASP A 74 -3.54 -27.07 -8.18
C ASP A 74 -2.48 -26.63 -7.18
N HIS A 75 -2.77 -25.56 -6.44
CA HIS A 75 -1.86 -25.06 -5.41
C HIS A 75 -2.22 -25.60 -4.02
N SER A 76 -3.05 -26.64 -3.93
CA SER A 76 -3.53 -27.09 -2.62
C SER A 76 -2.41 -27.39 -1.64
N LYS A 77 -1.30 -27.98 -2.11
CA LYS A 77 -0.20 -28.35 -1.24
C LYS A 77 0.87 -27.27 -1.14
N ARG A 78 0.57 -26.04 -1.56
CA ARG A 78 1.53 -24.94 -1.52
C ARG A 78 1.07 -23.88 -0.52
N SER A 79 2.03 -23.27 0.18
CA SER A 79 1.69 -22.31 1.24
C SER A 79 1.32 -20.94 0.70
N SER A 80 1.90 -20.55 -0.42
CA SER A 80 1.82 -19.16 -0.84
C SER A 80 2.06 -19.12 -2.34
N PHE A 81 2.05 -17.91 -2.89
CA PHE A 81 2.35 -17.71 -4.30
C PHE A 81 3.10 -16.40 -4.44
N VAL A 82 4.17 -16.39 -5.22
CA VAL A 82 4.96 -15.19 -5.48
C VAL A 82 5.02 -14.98 -6.99
N CYS A 83 4.84 -13.73 -7.43
CA CYS A 83 5.04 -13.34 -8.82
C CYS A 83 5.90 -12.09 -8.84
N VAL A 84 6.99 -12.12 -9.60
CA VAL A 84 7.87 -10.96 -9.74
C VAL A 84 7.81 -10.48 -11.19
N LEU A 85 7.53 -9.19 -11.36
CA LEU A 85 7.43 -8.59 -12.69
C LEU A 85 8.54 -7.56 -12.83
N LEU A 86 9.40 -7.74 -13.84
CA LEU A 86 10.51 -6.84 -14.11
C LEU A 86 10.31 -6.29 -15.51
N SER A 87 9.93 -5.02 -15.62
CA SER A 87 9.67 -4.51 -16.97
C SER A 87 9.52 -3.00 -16.90
N HIS A 88 9.23 -2.38 -18.05
CA HIS A 88 8.77 -1.01 -18.03
C HIS A 88 7.34 -0.98 -17.53
N GLY A 89 6.88 0.20 -17.10
CA GLY A 89 5.49 0.30 -16.74
C GLY A 89 5.02 1.73 -16.66
N GLU A 90 3.72 1.87 -16.41
CA GLU A 90 3.04 3.13 -16.09
C GLU A 90 2.15 2.84 -14.89
N GLU A 91 1.51 3.89 -14.34
CA GLU A 91 0.59 3.63 -13.22
C GLU A 91 -0.44 2.61 -13.63
N GLY A 92 -0.53 1.51 -12.86
CA GLY A 92 -1.49 0.46 -13.11
C GLY A 92 -1.15 -0.51 -14.23
N ILE A 93 0.02 -0.36 -14.86
CA ILE A 93 0.33 -1.03 -16.12
C ILE A 93 1.74 -1.60 -16.08
N ILE A 94 1.90 -2.82 -16.60
CA ILE A 94 3.19 -3.45 -16.86
C ILE A 94 3.29 -3.73 -18.36
N PHE A 95 4.49 -3.63 -18.92
CA PHE A 95 4.65 -3.80 -20.36
C PHE A 95 5.15 -5.21 -20.69
N GLY A 96 4.41 -5.90 -21.55
CA GLY A 96 5.00 -6.99 -22.31
C GLY A 96 5.93 -6.40 -23.37
N THR A 97 6.63 -7.29 -24.08
CA THR A 97 7.61 -6.84 -25.06
C THR A 97 6.97 -6.04 -26.20
N ASN A 98 5.66 -6.16 -26.38
CA ASN A 98 4.96 -5.59 -27.52
C ASN A 98 3.82 -4.66 -27.11
N GLY A 99 3.68 -4.32 -25.83
CA GLY A 99 2.64 -3.41 -25.44
C GLY A 99 2.15 -3.60 -24.01
N PRO A 100 1.25 -2.71 -23.58
CA PRO A 100 0.87 -2.65 -22.18
C PRO A 100 -0.15 -3.72 -21.78
N VAL A 101 -0.16 -4.03 -20.49
CA VAL A 101 -1.24 -4.84 -19.92
C VAL A 101 -1.56 -4.34 -18.51
N ASP A 102 -2.84 -4.19 -18.21
CA ASP A 102 -3.26 -3.74 -16.90
C ASP A 102 -2.82 -4.75 -15.83
N LEU A 103 -2.20 -4.23 -14.75
CA LEU A 103 -1.80 -5.11 -13.66
C LEU A 103 -3.01 -5.82 -13.06
N LYS A 104 -4.15 -5.16 -13.08
CA LYS A 104 -5.33 -5.71 -12.42
C LYS A 104 -5.80 -6.96 -13.18
N LYS A 105 -5.62 -6.96 -14.51
CA LYS A 105 -5.91 -8.16 -15.29
C LYS A 105 -5.05 -9.35 -14.86
N ILE A 106 -3.79 -9.10 -14.51
CA ILE A 106 -2.92 -10.18 -14.05
C ILE A 106 -3.32 -10.66 -12.66
N THR A 107 -3.45 -9.75 -11.71
CA THR A 107 -3.74 -10.17 -10.36
C THR A 107 -5.15 -10.75 -10.22
N ASN A 108 -6.08 -10.40 -11.12
CA ASN A 108 -7.46 -10.90 -10.99
C ASN A 108 -7.56 -12.42 -11.13
N PHE A 109 -6.60 -13.03 -11.83
CA PHE A 109 -6.62 -14.49 -11.97
C PHE A 109 -6.47 -15.18 -10.61
N PHE A 110 -5.87 -14.52 -9.64
CA PHE A 110 -5.59 -15.13 -8.35
C PHE A 110 -6.56 -14.69 -7.27
N ARG A 111 -7.63 -13.98 -7.67
CA ARG A 111 -8.66 -13.57 -6.72
C ARG A 111 -9.17 -14.76 -5.92
N GLY A 112 -9.57 -14.47 -4.68
CA GLY A 112 -9.97 -15.54 -3.77
C GLY A 112 -11.05 -16.43 -4.33
N ASP A 113 -11.97 -15.86 -5.11
CA ASP A 113 -13.04 -16.63 -5.72
C ASP A 113 -12.65 -17.29 -7.04
N ARG A 114 -11.51 -16.91 -7.63
CA ARG A 114 -11.10 -17.43 -8.93
C ARG A 114 -9.92 -18.40 -8.88
N CYS A 115 -9.18 -18.47 -7.78
CA CYS A 115 -8.13 -19.46 -7.60
C CYS A 115 -8.37 -20.03 -6.21
N ARG A 116 -9.23 -21.05 -6.12
CA ARG A 116 -9.67 -21.57 -4.82
C ARG A 116 -8.55 -22.27 -4.08
N SER A 117 -7.60 -22.88 -4.78
CA SER A 117 -6.52 -23.51 -4.02
C SER A 117 -5.54 -22.50 -3.44
N LEU A 118 -5.72 -21.21 -3.68
CA LEU A 118 -4.93 -20.18 -3.00
C LEU A 118 -5.78 -19.31 -2.09
N THR A 119 -7.06 -19.63 -1.92
CA THR A 119 -7.91 -18.85 -1.03
C THR A 119 -7.34 -18.92 0.37
N GLY A 120 -7.23 -17.78 1.05
CA GLY A 120 -6.67 -17.73 2.38
C GLY A 120 -5.16 -17.81 2.45
N LYS A 121 -4.48 -17.94 1.31
CA LYS A 121 -3.04 -18.02 1.28
C LYS A 121 -2.44 -16.71 0.75
N PRO A 122 -1.27 -16.31 1.24
CA PRO A 122 -0.68 -15.04 0.78
C PRO A 122 -0.24 -15.09 -0.67
N LYS A 123 -0.60 -14.05 -1.42
CA LYS A 123 -0.33 -13.93 -2.85
C LYS A 123 0.49 -12.66 -3.01
N LEU A 124 1.78 -12.82 -3.31
CA LEU A 124 2.74 -11.73 -3.25
C LEU A 124 3.12 -11.31 -4.66
N PHE A 125 2.91 -10.03 -4.99
CA PHE A 125 3.31 -9.50 -6.29
C PHE A 125 4.40 -8.46 -6.06
N ILE A 126 5.58 -8.72 -6.62
N ILE A 126 5.56 -8.70 -6.66
CA ILE A 126 6.74 -7.83 -6.54
CA ILE A 126 6.73 -7.84 -6.51
C ILE A 126 6.92 -7.21 -7.92
C ILE A 126 6.96 -7.18 -7.86
N ILE A 127 6.91 -5.88 -7.98
N ILE A 127 6.84 -5.86 -7.93
CA ILE A 127 6.74 -5.16 -9.24
CA ILE A 127 6.75 -5.16 -9.22
C ILE A 127 7.86 -4.13 -9.36
C ILE A 127 7.88 -4.13 -9.33
N GLN A 128 8.86 -4.43 -10.17
CA GLN A 128 9.92 -3.49 -10.53
C GLN A 128 9.52 -2.91 -11.87
N ALA A 129 8.95 -1.71 -11.86
CA ALA A 129 8.46 -1.04 -13.06
C ALA A 129 8.13 0.39 -12.72
N CYS A 130 8.24 1.26 -13.71
CA CYS A 130 7.88 2.64 -13.47
C CYS A 130 6.36 2.73 -13.24
N ARG A 131 5.94 3.78 -12.55
CA ARG A 131 4.52 4.02 -12.25
C ARG A 131 4.11 5.41 -12.72
N GLY A 132 4.81 5.93 -13.71
CA GLY A 132 4.61 7.29 -14.13
C GLY A 132 5.95 7.90 -14.48
N THR A 133 5.97 9.22 -14.64
CA THR A 133 7.20 9.92 -15.04
C THR A 133 7.59 11.02 -14.07
N GLU A 134 7.13 10.96 -12.83
CA GLU A 134 7.62 11.91 -11.83
C GLU A 134 9.00 11.49 -11.29
N LEU A 135 9.79 12.50 -10.94
CA LEU A 135 11.11 12.34 -10.34
C LEU A 135 11.09 12.90 -8.92
N ASP A 136 11.69 12.18 -7.99
CA ASP A 136 11.79 12.62 -6.59
C ASP A 136 13.14 13.31 -6.44
N CYS A 137 13.13 14.63 -6.21
CA CYS A 137 14.38 15.37 -6.05
C CYS A 137 15.01 15.21 -4.68
N GLY A 138 14.28 14.66 -3.71
CA GLY A 138 14.82 14.43 -2.40
C GLY A 138 14.95 15.72 -1.61
N ILE A 139 15.20 15.56 -0.31
CA ILE A 139 15.39 16.67 0.62
C ILE A 139 16.57 16.33 1.52
N GLU A 140 17.48 17.29 1.69
CA GLU A 140 18.71 17.06 2.44
C GLU A 140 18.39 17.11 3.93
N THR A 141 18.49 15.97 4.60
CA THR A 141 18.32 15.88 6.05
C THR A 141 18.67 14.48 6.52
N HIS B 2 -19.34 -17.34 6.84
CA HIS B 2 -17.88 -17.38 6.84
C HIS B 2 -17.29 -17.13 5.45
N LYS B 3 -17.36 -15.88 5.00
CA LYS B 3 -16.76 -15.47 3.75
C LYS B 3 -15.55 -14.57 4.02
N ILE B 4 -14.66 -14.49 3.05
CA ILE B 4 -13.59 -13.49 3.08
C ILE B 4 -13.66 -12.66 1.79
N PRO B 5 -13.15 -11.43 1.82
CA PRO B 5 -13.09 -10.64 0.58
C PRO B 5 -12.28 -11.34 -0.50
N VAL B 6 -12.72 -11.21 -1.75
CA VAL B 6 -11.96 -11.83 -2.84
C VAL B 6 -10.66 -11.09 -3.08
N GLU B 7 -10.53 -9.86 -2.59
CA GLU B 7 -9.31 -9.07 -2.71
C GLU B 7 -8.39 -9.24 -1.49
N ALA B 8 -8.80 -10.01 -0.49
CA ALA B 8 -7.95 -10.22 0.68
C ALA B 8 -6.74 -11.10 0.35
N ASP B 9 -5.73 -10.98 1.22
CA ASP B 9 -4.52 -11.81 1.22
C ASP B 9 -3.64 -11.57 -0.02
N PHE B 10 -3.70 -10.37 -0.59
CA PHE B 10 -2.75 -9.92 -1.59
C PHE B 10 -1.76 -8.96 -0.95
N LEU B 11 -0.52 -9.00 -1.41
CA LEU B 11 0.46 -7.97 -1.11
C LEU B 11 1.15 -7.58 -2.40
N TYR B 12 1.19 -6.28 -2.67
CA TYR B 12 1.87 -5.74 -3.84
C TYR B 12 3.06 -4.93 -3.35
N ALA B 13 4.26 -5.44 -3.59
CA ALA B 13 5.48 -4.74 -3.19
C ALA B 13 5.97 -3.96 -4.41
N TYR B 14 5.56 -2.69 -4.49
CA TYR B 14 5.96 -1.84 -5.60
C TYR B 14 7.34 -1.25 -5.37
N SER B 15 8.13 -1.15 -6.44
CA SER B 15 9.48 -0.59 -6.34
C SER B 15 9.46 0.92 -6.09
N THR B 16 8.35 1.60 -6.36
CA THR B 16 8.35 3.06 -6.31
C THR B 16 6.95 3.57 -5.98
N ALA B 17 6.90 4.82 -5.57
CA ALA B 17 5.62 5.44 -5.21
C ALA B 17 4.71 5.63 -6.44
N PRO B 18 3.40 5.75 -6.22
CA PRO B 18 2.49 5.96 -7.35
C PRO B 18 2.84 7.23 -8.13
N GLY B 19 2.88 7.12 -9.46
CA GLY B 19 3.18 8.25 -10.32
C GLY B 19 4.65 8.46 -10.65
N TYR B 20 5.57 7.74 -10.00
CA TYR B 20 7.00 8.01 -10.16
C TYR B 20 7.69 6.99 -11.05
N TYR B 21 8.82 7.43 -11.61
CA TYR B 21 9.81 6.54 -12.20
C TYR B 21 10.37 5.61 -11.12
N SER B 22 10.90 4.48 -11.57
CA SER B 22 11.69 3.55 -10.78
C SER B 22 13.06 3.43 -11.43
N TRP B 23 14.09 3.25 -10.59
CA TRP B 23 15.47 3.37 -11.04
C TRP B 23 16.17 2.02 -11.13
N ARG B 24 17.03 1.88 -12.15
CA ARG B 24 17.74 0.63 -12.40
C ARG B 24 19.18 0.95 -12.78
N ASN B 25 20.12 0.25 -12.16
CA ASN B 25 21.54 0.39 -12.50
C ASN B 25 21.91 -0.66 -13.54
N SER B 26 22.56 -0.22 -14.61
CA SER B 26 22.83 -1.11 -15.73
C SER B 26 23.75 -2.27 -15.38
N LYS B 27 24.57 -2.13 -14.34
CA LYS B 27 25.46 -3.20 -13.94
C LYS B 27 24.92 -4.03 -12.78
N ASP B 28 24.34 -3.38 -11.77
CA ASP B 28 23.98 -4.04 -10.51
C ASP B 28 22.49 -4.38 -10.41
N GLY B 29 21.68 -3.91 -11.34
CA GLY B 29 20.25 -4.19 -11.33
C GLY B 29 19.48 -3.05 -10.72
N SER B 30 18.18 -3.28 -10.57
CA SER B 30 17.32 -2.24 -10.03
C SER B 30 17.59 -2.04 -8.55
N TRP B 31 17.48 -0.78 -8.10
CA TRP B 31 17.72 -0.48 -6.70
C TRP B 31 16.84 -1.33 -5.81
N PHE B 32 15.56 -1.43 -6.18
CA PHE B 32 14.58 -2.14 -5.37
C PHE B 32 14.90 -3.62 -5.27
N ILE B 33 15.13 -4.28 -6.40
CA ILE B 33 15.37 -5.73 -6.34
C ILE B 33 16.71 -6.02 -5.65
N GLN B 34 17.75 -5.23 -5.93
CA GLN B 34 19.00 -5.33 -5.18
C GLN B 34 18.73 -5.34 -3.68
N SER B 35 17.94 -4.36 -3.23
CA SER B 35 17.70 -4.20 -1.80
C SER B 35 16.82 -5.31 -1.25
N LEU B 36 15.78 -5.68 -2.00
CA LEU B 36 14.89 -6.74 -1.55
C LEU B 36 15.65 -8.05 -1.35
N CYS B 37 16.46 -8.44 -2.34
CA CYS B 37 17.20 -9.68 -2.20
C CYS B 37 18.16 -9.63 -1.02
N ALA B 38 18.80 -8.47 -0.81
CA ALA B 38 19.74 -8.34 0.30
C ALA B 38 19.03 -8.50 1.64
N MET B 39 17.89 -7.84 1.81
CA MET B 39 17.18 -7.95 3.09
C MET B 39 16.50 -9.30 3.28
N LEU B 40 15.99 -9.92 2.22
CA LEU B 40 15.50 -11.28 2.42
C LEU B 40 16.63 -12.21 2.82
N LYS B 41 17.80 -12.03 2.23
CA LYS B 41 18.92 -12.89 2.57
C LYS B 41 19.30 -12.74 4.04
N GLN B 42 19.38 -11.49 4.49
CA GLN B 42 19.78 -11.20 5.86
C GLN B 42 18.67 -11.54 6.87
N TYR B 43 17.40 -11.31 6.52
CA TYR B 43 16.36 -11.26 7.55
C TYR B 43 15.22 -12.25 7.39
N ALA B 44 15.17 -13.05 6.32
CA ALA B 44 13.99 -13.89 6.12
C ALA B 44 13.87 -14.98 7.20
N ASP B 45 14.97 -15.32 7.87
CA ASP B 45 14.88 -16.32 8.94
C ASP B 45 14.45 -15.72 10.28
N LYS B 46 14.25 -14.41 10.35
CA LYS B 46 14.09 -13.72 11.63
C LYS B 46 12.92 -12.74 11.67
N LEU B 47 12.66 -11.99 10.60
CA LEU B 47 11.71 -10.88 10.63
C LEU B 47 10.43 -11.24 9.86
N GLU B 48 9.32 -10.62 10.28
CA GLU B 48 8.09 -10.69 9.52
C GLU B 48 8.27 -9.94 8.20
N PHE B 49 7.55 -10.37 7.15
CA PHE B 49 7.77 -9.84 5.79
C PHE B 49 7.57 -8.33 5.69
N MET B 50 6.56 -7.79 6.38
CA MET B 50 6.34 -6.34 6.34
C MET B 50 7.53 -5.59 6.93
N HIS B 51 8.13 -6.14 8.00
CA HIS B 51 9.31 -5.48 8.56
C HIS B 51 10.50 -5.61 7.63
N ILE B 52 10.61 -6.74 6.90
CA ILE B 52 11.65 -6.86 5.89
C ILE B 52 11.46 -5.80 4.81
N LEU B 53 10.22 -5.64 4.34
CA LEU B 53 9.96 -4.66 3.28
C LEU B 53 10.17 -3.23 3.77
N THR B 54 9.94 -2.97 5.07
CA THR B 54 10.24 -1.65 5.62
C THR B 54 11.75 -1.39 5.63
N ARG B 55 12.54 -2.42 5.90
CA ARG B 55 13.99 -2.27 5.76
C ARG B 55 14.40 -2.06 4.31
N VAL B 56 13.68 -2.67 3.37
CA VAL B 56 13.93 -2.40 1.95
C VAL B 56 13.66 -0.94 1.63
N ASN B 57 12.52 -0.42 2.12
CA ASN B 57 12.22 1.01 1.96
C ASN B 57 13.38 1.89 2.45
N ARG B 58 13.89 1.62 3.65
CA ARG B 58 14.94 2.47 4.20
C ARG B 58 16.23 2.35 3.39
N LYS B 59 16.56 1.14 2.94
CA LYS B 59 17.78 0.94 2.15
C LYS B 59 17.68 1.70 0.82
N VAL B 60 16.56 1.57 0.13
CA VAL B 60 16.40 2.26 -1.14
C VAL B 60 16.41 3.76 -0.93
N ALA B 61 15.75 4.23 0.13
CA ALA B 61 15.62 5.67 0.36
C ALA B 61 16.95 6.31 0.74
N THR B 62 17.84 5.58 1.41
CA THR B 62 19.02 6.21 1.97
C THR B 62 20.32 5.84 1.25
N GLU B 63 20.39 4.68 0.61
CA GLU B 63 21.67 4.24 0.06
C GLU B 63 21.80 4.43 -1.45
N PHE B 64 20.77 4.94 -2.11
CA PHE B 64 20.80 5.08 -3.56
C PHE B 64 20.47 6.51 -3.96
N GLU B 65 21.17 7.00 -4.97
CA GLU B 65 20.89 8.31 -5.55
C GLU B 65 21.33 8.26 -7.00
N SER B 66 20.50 8.76 -7.91
CA SER B 66 20.81 8.53 -9.32
C SER B 66 22.04 9.34 -9.75
N PHE B 67 22.80 8.76 -10.68
CA PHE B 67 23.92 9.44 -11.32
C PHE B 67 23.62 9.44 -12.81
N SER B 68 23.55 10.62 -13.41
CA SER B 68 23.18 10.68 -14.82
C SER B 68 23.95 11.81 -15.50
N PHE B 69 24.37 11.56 -16.75
CA PHE B 69 24.98 12.64 -17.52
C PHE B 69 23.95 13.70 -17.89
N ASP B 70 22.68 13.32 -17.97
CA ASP B 70 21.59 14.25 -18.19
C ASP B 70 21.21 14.88 -16.86
N ALA B 71 21.44 16.19 -16.71
CA ALA B 71 21.18 16.84 -15.44
C ALA B 71 19.73 16.68 -15.02
N THR B 72 18.82 16.59 -15.98
CA THR B 72 17.40 16.40 -15.66
C THR B 72 17.18 15.13 -14.84
N PHE B 73 18.00 14.11 -15.04
CA PHE B 73 17.81 12.82 -14.36
C PHE B 73 18.84 12.55 -13.28
N HIS B 74 19.59 13.55 -12.87
CA HIS B 74 20.72 13.37 -11.95
C HIS B 74 20.33 13.70 -10.51
N ALA B 75 20.86 12.92 -9.57
CA ALA B 75 20.70 13.17 -8.12
C ALA B 75 19.26 12.93 -7.65
N LYS B 76 18.59 11.97 -8.25
CA LYS B 76 17.20 11.67 -7.92
C LYS B 76 17.12 10.53 -6.91
N LYS B 77 15.98 10.45 -6.25
CA LYS B 77 15.75 9.55 -5.12
C LYS B 77 14.54 8.67 -5.40
N GLN B 78 14.36 7.66 -4.55
CA GLN B 78 13.28 6.70 -4.77
C GLN B 78 12.83 6.14 -3.43
N ILE B 79 11.52 5.99 -3.25
CA ILE B 79 10.93 5.28 -2.11
C ILE B 79 10.04 4.18 -2.66
N PRO B 80 10.20 2.92 -2.23
CA PRO B 80 9.27 1.88 -2.67
C PRO B 80 7.91 2.04 -2.01
N CYS B 81 6.96 1.19 -2.35
CA CYS B 81 5.59 1.40 -1.91
C CYS B 81 4.98 0.04 -1.60
N ILE B 82 4.80 -0.25 -0.30
CA ILE B 82 4.25 -1.52 0.15
C ILE B 82 2.74 -1.38 0.19
N VAL B 83 2.03 -2.26 -0.51
CA VAL B 83 0.56 -2.24 -0.49
C VAL B 83 0.07 -3.59 0.01
N SER B 84 -0.45 -3.63 1.23
CA SER B 84 -0.82 -4.89 1.84
C SER B 84 -2.34 -5.00 1.99
N MET B 85 -2.93 -6.01 1.35
CA MET B 85 -4.24 -6.49 1.77
C MET B 85 -4.13 -7.81 2.52
N LEU B 86 -2.99 -8.03 3.18
CA LEU B 86 -2.78 -9.25 3.94
C LEU B 86 -3.60 -9.21 5.22
N THR B 87 -4.01 -10.39 5.69
CA THR B 87 -4.81 -10.50 6.91
C THR B 87 -4.05 -11.16 8.05
N LYS B 88 -2.84 -11.64 7.80
CA LYS B 88 -2.02 -12.24 8.84
C LYS B 88 -0.56 -11.86 8.61
N GLU B 89 0.25 -12.17 9.62
CA GLU B 89 1.68 -11.95 9.50
C GLU B 89 2.30 -13.09 8.67
N LEU B 90 3.40 -12.77 8.00
CA LEU B 90 4.00 -13.71 7.06
C LEU B 90 5.46 -13.90 7.45
N TYR B 91 5.80 -15.11 7.89
CA TYR B 91 7.17 -15.52 8.20
C TYR B 91 7.57 -16.62 7.22
N PHE B 92 8.75 -16.49 6.60
CA PHE B 92 9.20 -17.41 5.57
C PHE B 92 9.82 -18.69 6.14
N TYR B 93 9.73 -18.90 7.43
CA TYR B 93 10.22 -20.13 8.04
C TYR B 93 9.10 -20.76 8.84
N ASN C 2 15.09 -1.24 13.14
CA ASN C 2 15.19 0.18 13.43
C ASN C 2 13.82 0.86 13.41
N SER C 3 13.65 1.81 14.32
CA SER C 3 12.31 2.32 14.62
C SER C 3 12.35 3.81 14.84
N TYR C 4 11.25 4.47 14.50
CA TYR C 4 11.15 5.91 14.61
C TYR C 4 11.32 6.37 16.04
N LYS C 5 11.96 7.52 16.20
CA LYS C 5 12.07 8.22 17.49
C LYS C 5 10.70 8.79 17.88
N MET C 6 10.05 8.17 18.89
CA MET C 6 8.76 8.61 19.40
C MET C 6 8.81 9.09 20.84
N ASP C 7 9.99 9.57 21.27
CA ASP C 7 10.14 10.23 22.56
C ASP C 7 10.49 11.71 22.43
N TYR C 8 10.02 12.37 21.36
CA TYR C 8 9.96 13.83 21.34
C TYR C 8 9.02 14.28 22.47
N PRO C 9 9.01 15.57 22.84
CA PRO C 9 8.12 15.99 23.94
C PRO C 9 6.64 15.74 23.68
N GLU C 10 6.18 15.82 22.43
CA GLU C 10 4.80 15.56 22.08
C GLU C 10 4.75 14.47 21.02
N MET C 11 3.77 13.56 21.15
CA MET C 11 3.54 12.58 20.09
C MET C 11 3.18 13.27 18.78
N GLY C 12 2.48 14.41 18.85
CA GLY C 12 2.14 15.17 17.67
C GLY C 12 0.65 15.42 17.56
N LEU C 13 0.26 16.00 16.43
CA LEU C 13 -1.13 16.31 16.16
C LEU C 13 -1.83 15.10 15.56
N CYS C 14 -3.14 15.02 15.83
CA CYS C 14 -4.05 14.11 15.15
C CYS C 14 -5.23 14.96 14.67
N ILE C 15 -5.23 15.29 13.38
CA ILE C 15 -6.30 16.08 12.77
C ILE C 15 -7.39 15.14 12.32
N ILE C 16 -8.62 15.39 12.76
CA ILE C 16 -9.76 14.59 12.33
C ILE C 16 -10.74 15.49 11.60
N ILE C 17 -10.89 15.25 10.30
CA ILE C 17 -11.87 15.94 9.47
C ILE C 17 -13.07 15.02 9.30
N ASN C 18 -14.19 15.42 9.89
CA ASN C 18 -15.40 14.60 9.89
C ASN C 18 -16.46 15.32 9.06
N ASN C 19 -16.70 14.82 7.83
CA ASN C 19 -17.71 15.40 6.94
C ASN C 19 -18.94 14.50 6.94
N LYS C 20 -20.05 15.03 7.44
CA LYS C 20 -21.31 14.31 7.55
C LYS C 20 -22.39 14.85 6.61
N ASN C 21 -22.49 16.17 6.47
CA ASN C 21 -23.57 16.82 5.73
C ASN C 21 -23.01 17.49 4.48
N PHE C 22 -23.56 17.14 3.33
CA PHE C 22 -23.05 17.61 2.05
C PHE C 22 -24.08 18.50 1.37
N HIS C 23 -23.59 19.54 0.69
CA HIS C 23 -24.45 20.44 -0.07
C HIS C 23 -25.25 19.64 -1.11
N LYS C 24 -26.52 20.04 -1.29
CA LYS C 24 -27.39 19.28 -2.18
C LYS C 24 -26.87 19.27 -3.61
N SER C 25 -26.08 20.29 -3.99
CA SER C 25 -25.41 20.26 -5.28
C SER C 25 -24.55 19.03 -5.46
N THR C 26 -24.16 18.37 -4.38
CA THR C 26 -23.29 17.20 -4.48
C THR C 26 -24.09 15.94 -4.82
N GLY C 27 -25.38 15.93 -4.47
CA GLY C 27 -26.19 14.74 -4.62
C GLY C 27 -25.71 13.60 -3.74
N MET C 28 -25.24 13.92 -2.54
CA MET C 28 -24.54 12.94 -1.73
C MET C 28 -25.21 12.91 -0.37
N THR C 29 -25.46 11.69 0.11
CA THR C 29 -26.31 11.49 1.27
C THR C 29 -25.55 11.77 2.57
N SER C 30 -26.33 12.07 3.61
CA SER C 30 -25.75 12.26 4.93
C SER C 30 -25.09 10.97 5.43
N ARG C 31 -23.93 11.11 6.08
CA ARG C 31 -23.12 9.95 6.46
C ARG C 31 -23.36 9.58 7.92
N SER C 32 -24.55 9.01 8.18
CA SER C 32 -24.92 8.57 9.52
C SER C 32 -23.92 7.55 10.05
N GLY C 33 -23.54 7.71 11.31
CA GLY C 33 -22.54 6.89 11.93
C GLY C 33 -21.19 7.54 12.05
N THR C 34 -20.91 8.57 11.25
CA THR C 34 -19.57 9.16 11.23
C THR C 34 -19.26 9.92 12.51
N ASP C 35 -20.28 10.48 13.17
CA ASP C 35 -20.04 11.11 14.47
C ASP C 35 -19.52 10.09 15.47
N VAL C 36 -20.05 8.86 15.41
CA VAL C 36 -19.53 7.80 16.28
C VAL C 36 -18.07 7.54 15.97
N ASP C 37 -17.72 7.51 14.68
CA ASP C 37 -16.32 7.32 14.28
C ASP C 37 -15.42 8.40 14.85
N ALA C 38 -15.80 9.67 14.64
CA ALA C 38 -14.92 10.76 15.07
C ALA C 38 -14.73 10.75 16.58
N ALA C 39 -15.80 10.41 17.34
CA ALA C 39 -15.66 10.38 18.78
C ALA C 39 -14.77 9.23 19.22
N ASN C 40 -14.89 8.08 18.56
CA ASN C 40 -14.02 6.94 18.82
C ASN C 40 -12.55 7.28 18.55
N LEU C 41 -12.29 7.93 17.40
CA LEU C 41 -10.92 8.31 17.05
C LEU C 41 -10.37 9.33 18.04
N ARG C 42 -11.20 10.28 18.47
CA ARG C 42 -10.71 11.27 19.41
C ARG C 42 -10.26 10.61 20.71
N GLU C 43 -11.05 9.65 21.21
CA GLU C 43 -10.66 8.98 22.44
C GLU C 43 -9.46 8.07 22.24
N THR C 44 -9.42 7.37 21.11
CA THR C 44 -8.31 6.45 20.84
C THR C 44 -6.98 7.19 20.82
N PHE C 45 -6.92 8.27 20.05
CA PHE C 45 -5.65 8.97 19.94
C PHE C 45 -5.34 9.79 21.18
N ARG C 46 -6.35 10.17 21.95
CA ARG C 46 -6.08 10.80 23.24
C ARG C 46 -5.32 9.85 24.14
N ASN C 47 -5.71 8.57 24.14
CA ASN C 47 -5.00 7.60 24.96
C ASN C 47 -3.60 7.34 24.44
N LEU C 48 -3.32 7.64 23.19
CA LEU C 48 -1.97 7.52 22.66
C LEU C 48 -1.16 8.80 22.83
N LYS C 49 -1.73 9.81 23.51
CA LYS C 49 -1.05 11.07 23.84
C LYS C 49 -0.87 11.99 22.63
N TYR C 50 -1.77 11.90 21.65
CA TYR C 50 -1.80 12.89 20.58
C TYR C 50 -2.63 14.10 20.99
N GLU C 51 -2.27 15.26 20.44
CA GLU C 51 -3.12 16.45 20.51
C GLU C 51 -4.14 16.38 19.39
N VAL C 52 -5.39 16.06 19.73
CA VAL C 52 -6.45 15.82 18.75
C VAL C 52 -7.17 17.12 18.43
N ARG C 53 -7.44 17.35 17.14
CA ARG C 53 -8.26 18.47 16.70
C ARG C 53 -9.34 17.91 15.78
N ASN C 54 -10.60 17.95 16.23
CA ASN C 54 -11.73 17.52 15.42
C ASN C 54 -12.26 18.72 14.63
N LYS C 55 -12.46 18.57 13.33
CA LYS C 55 -13.16 19.61 12.60
C LYS C 55 -14.33 18.92 11.91
N ASN C 56 -15.41 19.66 11.70
CA ASN C 56 -16.64 19.08 11.17
C ASN C 56 -17.13 19.84 9.94
N ASP C 57 -17.63 19.11 8.94
CA ASP C 57 -18.30 19.66 7.75
C ASP C 57 -17.51 20.82 7.13
N LEU C 58 -16.40 20.45 6.49
CA LEU C 58 -15.51 21.42 5.86
C LEU C 58 -15.70 21.36 4.35
N THR C 59 -15.67 22.53 3.70
CA THR C 59 -15.68 22.53 2.24
C THR C 59 -14.31 22.07 1.73
N ARG C 60 -14.23 21.87 0.42
CA ARG C 60 -12.93 21.49 -0.16
C ARG C 60 -11.90 22.60 0.02
N GLU C 61 -12.33 23.86 -0.05
CA GLU C 61 -11.43 24.97 0.23
C GLU C 61 -11.00 25.00 1.70
N GLU C 62 -11.92 24.71 2.63
CA GLU C 62 -11.53 24.74 4.04
C GLU C 62 -10.57 23.61 4.39
N ILE C 63 -10.71 22.46 3.72
CA ILE C 63 -9.78 21.35 3.94
C ILE C 63 -8.38 21.74 3.49
N VAL C 64 -8.26 22.27 2.26
CA VAL C 64 -6.97 22.68 1.72
C VAL C 64 -6.33 23.74 2.62
N GLU C 65 -7.11 24.77 2.97
CA GLU C 65 -6.67 25.80 3.92
C GLU C 65 -6.13 25.19 5.21
N LEU C 66 -6.93 24.33 5.84
CA LEU C 66 -6.54 23.76 7.13
C LEU C 66 -5.22 23.02 7.00
N MET C 67 -5.11 22.16 5.97
CA MET C 67 -3.90 21.37 5.80
C MET C 67 -2.69 22.26 5.56
N ARG C 68 -2.87 23.29 4.74
CA ARG C 68 -1.80 24.27 4.54
C ARG C 68 -1.36 24.87 5.86
N ASP C 69 -2.32 25.34 6.66
CA ASP C 69 -1.99 25.96 7.94
C ASP C 69 -1.30 24.97 8.88
N VAL C 70 -1.86 23.77 9.04
CA VAL C 70 -1.18 22.74 9.84
C VAL C 70 0.24 22.51 9.34
N SER C 71 0.42 22.41 8.03
CA SER C 71 1.73 22.09 7.49
C SER C 71 2.75 23.19 7.75
N LYS C 72 2.31 24.42 7.98
CA LYS C 72 3.26 25.50 8.26
C LYS C 72 3.49 25.72 9.74
N GLU C 73 2.85 24.93 10.60
CA GLU C 73 3.15 24.95 12.03
C GLU C 73 4.54 24.42 12.29
N ASP C 74 5.04 24.67 13.49
CA ASP C 74 6.35 24.14 13.92
C ASP C 74 6.14 22.79 14.60
N HIS C 75 6.49 21.72 13.88
CA HIS C 75 6.39 20.35 14.40
C HIS C 75 7.71 19.85 14.99
N SER C 76 8.63 20.77 15.34
CA SER C 76 9.97 20.37 15.77
C SER C 76 9.94 19.47 17.00
N LYS C 77 9.04 19.74 17.95
CA LYS C 77 8.96 18.98 19.19
C LYS C 77 7.92 17.85 19.14
N ARG C 78 7.48 17.45 17.95
CA ARG C 78 6.45 16.42 17.80
C ARG C 78 7.05 15.19 17.13
N SER C 79 6.63 14.00 17.57
CA SER C 79 7.22 12.79 17.02
C SER C 79 6.66 12.43 15.65
N SER C 80 5.42 12.79 15.37
CA SER C 80 4.73 12.27 14.20
C SER C 80 3.58 13.20 13.87
N PHE C 81 2.88 12.88 12.78
CA PHE C 81 1.67 13.59 12.39
C PHE C 81 0.62 12.57 11.96
N VAL C 82 -0.62 12.78 12.37
CA VAL C 82 -1.73 11.92 11.99
C VAL C 82 -2.83 12.79 11.42
N CYS C 83 -3.39 12.39 10.27
CA CYS C 83 -4.58 13.03 9.72
C CYS C 83 -5.61 11.96 9.40
N VAL C 84 -6.83 12.12 9.90
CA VAL C 84 -7.92 11.18 9.65
C VAL C 84 -8.99 11.89 8.83
N LEU C 85 -9.34 11.30 7.70
CA LEU C 85 -10.34 11.87 6.81
C LEU C 85 -11.54 10.93 6.74
N LEU C 86 -12.72 11.45 7.10
CA LEU C 86 -13.96 10.68 7.12
C LEU C 86 -14.93 11.39 6.20
N SER C 87 -15.25 10.79 5.05
CA SER C 87 -16.07 11.49 4.06
C SER C 87 -16.43 10.53 2.93
N HIS C 88 -17.13 11.07 1.93
CA HIS C 88 -17.29 10.35 0.68
C HIS C 88 -15.99 10.46 -0.11
N GLY C 89 -15.82 9.58 -1.09
CA GLY C 89 -14.60 9.59 -1.87
C GLY C 89 -14.77 8.85 -3.18
N GLU C 90 -13.78 9.07 -4.05
CA GLU C 90 -13.53 8.29 -5.26
C GLU C 90 -12.05 7.95 -5.26
N GLU C 91 -11.62 7.13 -6.22
CA GLU C 91 -10.21 6.76 -6.29
C GLU C 91 -9.35 8.03 -6.37
N GLY C 92 -8.48 8.22 -5.36
CA GLY C 92 -7.61 9.37 -5.33
C GLY C 92 -8.24 10.65 -4.82
N ILE C 93 -9.49 10.60 -4.38
CA ILE C 93 -10.27 11.81 -4.12
C ILE C 93 -11.01 11.68 -2.80
N ILE C 94 -11.05 12.78 -2.03
CA ILE C 94 -11.94 12.93 -0.88
C ILE C 94 -12.89 14.09 -1.17
N PHE C 95 -14.08 14.04 -0.59
CA PHE C 95 -15.08 15.08 -0.82
C PHE C 95 -15.13 16.03 0.37
N GLY C 96 -14.90 17.31 0.10
CA GLY C 96 -15.41 18.33 0.98
C GLY C 96 -16.93 18.36 0.88
N THR C 97 -17.53 19.20 1.72
CA THR C 97 -18.99 19.31 1.74
C THR C 97 -19.54 19.75 0.38
N ASN C 98 -18.76 20.52 -0.37
CA ASN C 98 -19.21 21.15 -1.61
C ASN C 98 -18.52 20.62 -2.86
N GLY C 99 -17.71 19.56 -2.75
CA GLY C 99 -17.07 18.99 -3.90
C GLY C 99 -15.77 18.28 -3.61
N PRO C 100 -15.24 17.59 -4.63
CA PRO C 100 -14.09 16.71 -4.43
C PRO C 100 -12.78 17.48 -4.31
N VAL C 101 -11.77 16.81 -3.72
CA VAL C 101 -10.42 17.34 -3.54
C VAL C 101 -9.45 16.20 -3.83
N ASP C 102 -8.40 16.45 -4.61
CA ASP C 102 -7.40 15.40 -4.81
C ASP C 102 -6.67 15.11 -3.49
N LEU C 103 -6.60 13.83 -3.12
CA LEU C 103 -5.88 13.48 -1.88
C LEU C 103 -4.41 13.87 -1.98
N LYS C 104 -3.84 13.81 -3.18
CA LYS C 104 -2.44 14.22 -3.39
C LYS C 104 -2.22 15.68 -3.04
N LYS C 105 -3.24 16.53 -3.25
CA LYS C 105 -3.09 17.94 -2.90
C LYS C 105 -3.02 18.12 -1.38
N ILE C 106 -3.75 17.28 -0.64
CA ILE C 106 -3.67 17.31 0.82
C ILE C 106 -2.32 16.82 1.30
N THR C 107 -1.91 15.64 0.87
CA THR C 107 -0.68 15.05 1.40
C THR C 107 0.57 15.80 0.95
N ASN C 108 0.53 16.49 -0.20
CA ASN C 108 1.72 17.19 -0.68
C ASN C 108 2.20 18.28 0.28
N PHE C 109 1.30 18.87 1.07
CA PHE C 109 1.72 19.90 2.02
C PHE C 109 2.75 19.35 3.00
N PHE C 110 2.78 18.03 3.20
CA PHE C 110 3.63 17.43 4.22
C PHE C 110 4.83 16.71 3.64
N ARG C 111 5.05 16.82 2.32
CA ARG C 111 6.24 16.27 1.70
C ARG C 111 7.49 16.71 2.43
N GLY C 112 8.51 15.85 2.41
CA GLY C 112 9.72 16.10 3.19
C GLY C 112 10.40 17.41 2.87
N ASP C 113 10.22 17.91 1.64
CA ASP C 113 10.81 19.21 1.29
C ASP C 113 9.90 20.39 1.58
N ARG C 114 8.60 20.17 1.81
CA ARG C 114 7.64 21.24 2.05
C ARG C 114 7.21 21.38 3.50
N CYS C 115 7.52 20.41 4.36
CA CYS C 115 7.24 20.55 5.79
C CYS C 115 8.49 20.04 6.53
N ARG C 116 9.47 20.94 6.70
CA ARG C 116 10.80 20.52 7.13
C ARG C 116 10.81 20.01 8.57
N SER C 117 9.90 20.51 9.41
CA SER C 117 9.88 20.05 10.79
C SER C 117 9.24 18.68 10.93
N LEU C 118 8.75 18.08 9.84
CA LEU C 118 8.31 16.70 9.86
C LEU C 118 9.19 15.80 9.00
N THR C 119 10.26 16.34 8.43
CA THR C 119 11.18 15.50 7.66
C THR C 119 11.73 14.38 8.54
N GLY C 120 11.67 13.15 8.02
CA GLY C 120 12.18 12.01 8.76
C GLY C 120 11.23 11.45 9.79
N LYS C 121 10.04 12.02 9.96
CA LYS C 121 9.06 11.59 10.94
C LYS C 121 7.85 10.99 10.25
N PRO C 122 7.19 10.03 10.90
CA PRO C 122 6.05 9.35 10.25
C PRO C 122 4.84 10.27 10.13
N LYS C 123 4.29 10.32 8.92
CA LYS C 123 3.11 11.09 8.56
C LYS C 123 2.02 10.10 8.16
N LEU C 124 1.03 9.91 9.03
CA LEU C 124 0.01 8.88 8.84
C LEU C 124 -1.30 9.51 8.40
N PHE C 125 -1.83 9.05 7.27
CA PHE C 125 -3.13 9.48 6.76
C PHE C 125 -4.09 8.30 6.80
N ILE C 126 -5.17 8.44 7.55
CA ILE C 126 -6.17 7.39 7.72
C ILE C 126 -7.43 7.85 6.99
N ILE C 127 -7.89 7.04 6.03
CA ILE C 127 -8.89 7.51 5.07
C ILE C 127 -10.07 6.55 5.05
N GLN C 128 -11.18 7.00 5.59
CA GLN C 128 -12.45 6.28 5.53
C GLN C 128 -13.31 6.99 4.48
N ALA C 129 -13.38 6.39 3.29
CA ALA C 129 -14.06 6.97 2.13
C ALA C 129 -14.05 5.96 1.00
N CYS C 130 -15.08 5.93 0.16
CA CYS C 130 -15.02 5.01 -0.96
C CYS C 130 -13.89 5.38 -1.92
N ARG C 131 -13.51 4.39 -2.73
CA ARG C 131 -12.43 4.53 -3.71
C ARG C 131 -12.91 4.10 -5.09
N GLY C 132 -14.21 4.20 -5.31
CA GLY C 132 -14.84 3.68 -6.50
C GLY C 132 -16.17 3.08 -6.14
N THR C 133 -16.75 2.31 -7.06
CA THR C 133 -18.08 1.75 -6.87
C THR C 133 -18.10 0.23 -7.06
N GLU C 134 -16.96 -0.45 -6.98
CA GLU C 134 -17.01 -1.90 -7.02
C GLU C 134 -17.47 -2.47 -5.67
N LEU C 135 -18.07 -3.65 -5.72
CA LEU C 135 -18.49 -4.40 -4.54
C LEU C 135 -17.76 -5.73 -4.52
N ASP C 136 -17.36 -6.14 -3.33
CA ASP C 136 -16.65 -7.39 -3.11
C ASP C 136 -17.68 -8.42 -2.64
N CYS C 137 -17.99 -9.40 -3.50
CA CYS C 137 -18.99 -10.40 -3.14
C CYS C 137 -18.45 -11.49 -2.23
N GLY C 138 -17.13 -11.56 -2.03
CA GLY C 138 -16.58 -12.51 -1.10
C GLY C 138 -16.51 -13.92 -1.66
N ILE C 139 -15.89 -14.80 -0.89
CA ILE C 139 -15.79 -16.21 -1.23
C ILE C 139 -15.90 -17.02 0.05
N GLU C 140 -16.72 -18.06 0.02
CA GLU C 140 -16.92 -18.97 1.15
C GLU C 140 -15.62 -19.53 1.70
N LYS D 3 20.46 12.96 1.51
CA LYS D 3 19.06 13.20 1.15
C LYS D 3 18.18 11.96 1.31
N ILE D 4 16.90 12.20 1.55
CA ILE D 4 15.88 11.15 1.54
C ILE D 4 14.82 11.55 0.51
N PRO D 5 14.05 10.59 0.00
CA PRO D 5 12.94 10.94 -0.90
C PRO D 5 11.93 11.86 -0.21
N VAL D 6 11.36 12.79 -0.96
CA VAL D 6 10.32 13.66 -0.40
C VAL D 6 9.00 12.92 -0.21
N GLU D 7 8.83 11.73 -0.80
CA GLU D 7 7.66 10.90 -0.59
C GLU D 7 7.87 9.87 0.52
N ALA D 8 9.05 9.84 1.14
CA ALA D 8 9.32 8.90 2.22
C ALA D 8 8.60 9.28 3.51
N ASP D 9 8.39 8.26 4.35
CA ASP D 9 7.86 8.36 5.71
C ASP D 9 6.39 8.76 5.72
N PHE D 10 5.67 8.39 4.67
CA PHE D 10 4.22 8.46 4.67
C PHE D 10 3.65 7.06 4.86
N LEU D 11 2.50 7.00 5.52
CA LEU D 11 1.70 5.79 5.54
C LEU D 11 0.26 6.19 5.29
N TYR D 12 -0.40 5.52 4.34
CA TYR D 12 -1.80 5.76 4.02
C TYR D 12 -2.57 4.49 4.36
N ALA D 13 -3.36 4.55 5.43
CA ALA D 13 -4.22 3.44 5.84
C ALA D 13 -5.59 3.69 5.22
N TYR D 14 -5.84 3.06 4.06
CA TYR D 14 -7.13 3.19 3.40
C TYR D 14 -8.12 2.17 3.94
N SER D 15 -9.39 2.57 4.04
CA SER D 15 -10.42 1.71 4.58
C SER D 15 -10.76 0.56 3.64
N THR D 16 -10.44 0.70 2.35
CA THR D 16 -10.89 -0.25 1.36
C THR D 16 -9.90 -0.30 0.20
N ALA D 17 -10.03 -1.34 -0.60
CA ALA D 17 -9.12 -1.57 -1.72
C ALA D 17 -9.38 -0.56 -2.84
N PRO D 18 -8.38 -0.31 -3.69
CA PRO D 18 -8.58 0.60 -4.83
C PRO D 18 -9.78 0.17 -5.67
N GLY D 19 -10.61 1.14 -6.03
CA GLY D 19 -11.75 0.88 -6.90
C GLY D 19 -13.04 0.49 -6.18
N TYR D 20 -13.00 0.22 -4.87
CA TYR D 20 -14.14 -0.36 -4.16
C TYR D 20 -14.86 0.64 -3.28
N TYR D 21 -16.13 0.34 -3.01
CA TYR D 21 -16.88 1.00 -1.96
C TYR D 21 -16.27 0.70 -0.59
N SER D 22 -16.56 1.57 0.36
CA SER D 22 -16.21 1.36 1.76
C SER D 22 -17.51 1.43 2.57
N TRP D 23 -17.64 0.57 3.58
CA TRP D 23 -18.90 0.39 4.29
C TRP D 23 -18.94 1.06 5.67
N ARG D 24 -20.13 1.52 6.04
CA ARG D 24 -20.38 2.25 7.26
C ARG D 24 -21.70 1.79 7.83
N ASN D 25 -21.75 1.64 9.14
CA ASN D 25 -22.98 1.34 9.86
C ASN D 25 -23.52 2.62 10.50
N SER D 26 -24.81 2.91 10.27
CA SER D 26 -25.38 4.18 10.73
C SER D 26 -25.32 4.32 12.24
N LYS D 27 -25.23 3.24 12.97
CA LYS D 27 -25.17 3.32 14.43
C LYS D 27 -23.77 3.11 14.99
N ASP D 28 -23.02 2.13 14.45
CA ASP D 28 -21.74 1.80 15.06
C ASP D 28 -20.55 2.48 14.40
N GLY D 29 -20.75 3.14 13.26
CA GLY D 29 -19.66 3.77 12.55
C GLY D 29 -19.15 2.89 11.43
N SER D 30 -18.13 3.39 10.75
CA SER D 30 -17.58 2.64 9.64
C SER D 30 -16.87 1.39 10.15
N TRP D 31 -16.93 0.33 9.33
CA TRP D 31 -16.28 -0.93 9.70
C TRP D 31 -14.80 -0.70 10.00
N PHE D 32 -14.15 0.09 9.15
CA PHE D 32 -12.70 0.26 9.26
C PHE D 32 -12.33 1.02 10.53
N ILE D 33 -13.00 2.15 10.80
CA ILE D 33 -12.65 2.92 11.98
C ILE D 33 -12.97 2.15 13.27
N GLN D 34 -14.14 1.48 13.31
CA GLN D 34 -14.44 0.62 14.46
C GLN D 34 -13.30 -0.33 14.73
N SER D 35 -12.83 -0.99 13.68
CA SER D 35 -11.78 -2.00 13.83
C SER D 35 -10.45 -1.34 14.20
N LEU D 36 -10.13 -0.22 13.56
CA LEU D 36 -8.86 0.47 13.84
C LEU D 36 -8.80 0.90 15.31
N CYS D 37 -9.86 1.52 15.82
CA CYS D 37 -9.84 1.97 17.20
C CYS D 37 -9.77 0.78 18.16
N ALA D 38 -10.46 -0.31 17.83
CA ALA D 38 -10.44 -1.48 18.71
C ALA D 38 -9.05 -2.12 18.72
N MET D 39 -8.41 -2.24 17.55
CA MET D 39 -7.08 -2.83 17.55
C MET D 39 -6.05 -1.93 18.20
N LEU D 40 -6.17 -0.60 18.03
CA LEU D 40 -5.23 0.29 18.69
C LEU D 40 -5.40 0.22 20.20
N LYS D 41 -6.65 0.16 20.66
CA LYS D 41 -6.89 0.00 22.09
C LYS D 41 -6.30 -1.31 22.61
N GLN D 42 -6.46 -2.39 21.86
CA GLN D 42 -5.99 -3.68 22.32
C GLN D 42 -4.48 -3.86 22.19
N TYR D 43 -3.86 -3.27 21.15
CA TYR D 43 -2.49 -3.64 20.78
C TYR D 43 -1.48 -2.49 20.68
N ALA D 44 -1.87 -1.23 20.89
CA ALA D 44 -0.88 -0.17 20.77
C ALA D 44 0.28 -0.32 21.76
N ASP D 45 0.08 -1.00 22.89
CA ASP D 45 1.18 -1.19 23.84
C ASP D 45 1.91 -2.52 23.64
N LYS D 46 1.70 -3.17 22.50
CA LYS D 46 2.13 -4.55 22.29
C LYS D 46 2.75 -4.81 20.93
N LEU D 47 2.29 -4.12 19.88
CA LEU D 47 2.60 -4.51 18.50
C LEU D 47 3.09 -3.30 17.70
N GLU D 48 3.91 -3.57 16.70
CA GLU D 48 4.31 -2.53 15.77
C GLU D 48 3.13 -2.14 14.90
N PHE D 49 3.11 -0.87 14.46
CA PHE D 49 1.91 -0.30 13.82
C PHE D 49 1.47 -1.09 12.59
N MET D 50 2.42 -1.59 11.81
CA MET D 50 2.03 -2.33 10.61
C MET D 50 1.33 -3.62 11.00
N HIS D 51 1.76 -4.24 12.09
CA HIS D 51 1.10 -5.46 12.55
C HIS D 51 -0.26 -5.16 13.17
N ILE D 52 -0.40 -4.00 13.82
CA ILE D 52 -1.72 -3.59 14.25
C ILE D 52 -2.66 -3.45 13.07
N LEU D 53 -2.19 -2.79 12.01
CA LEU D 53 -3.04 -2.60 10.82
C LEU D 53 -3.37 -3.92 10.14
N THR D 54 -2.47 -4.91 10.23
CA THR D 54 -2.76 -6.24 9.71
C THR D 54 -3.89 -6.91 10.49
N ARG D 55 -3.95 -6.69 11.80
N ARG D 55 -3.94 -6.68 11.81
CA ARG D 55 -5.08 -7.17 12.58
CA ARG D 55 -5.08 -7.16 12.59
C ARG D 55 -6.37 -6.45 12.18
C ARG D 55 -6.36 -6.45 12.19
N VAL D 56 -6.27 -5.15 11.88
CA VAL D 56 -7.42 -4.40 11.39
C VAL D 56 -7.93 -5.00 10.08
N ASN D 57 -7.01 -5.32 9.17
CA ASN D 57 -7.38 -6.00 7.94
C ASN D 57 -8.15 -7.29 8.22
N ARG D 58 -7.63 -8.12 9.13
CA ARG D 58 -8.31 -9.39 9.38
C ARG D 58 -9.68 -9.17 10.01
N LYS D 59 -9.77 -8.20 10.92
CA LYS D 59 -11.04 -7.98 11.61
C LYS D 59 -12.10 -7.46 10.63
N VAL D 60 -11.74 -6.49 9.78
CA VAL D 60 -12.70 -6.03 8.77
C VAL D 60 -13.07 -7.16 7.84
N ALA D 61 -12.09 -7.98 7.44
CA ALA D 61 -12.32 -9.01 6.43
C ALA D 61 -13.18 -10.16 6.96
N THR D 62 -13.09 -10.47 8.24
CA THR D 62 -13.75 -11.67 8.76
C THR D 62 -14.99 -11.37 9.61
N GLU D 63 -15.08 -10.22 10.26
CA GLU D 63 -16.17 -10.01 11.21
C GLU D 63 -17.29 -9.14 10.67
N PHE D 64 -17.17 -8.65 9.42
CA PHE D 64 -18.18 -7.77 8.85
C PHE D 64 -18.70 -8.32 7.53
N GLU D 65 -20.01 -8.17 7.32
CA GLU D 65 -20.62 -8.51 6.05
C GLU D 65 -21.85 -7.63 5.94
N SER D 66 -22.10 -7.06 4.76
CA SER D 66 -23.15 -6.04 4.69
C SER D 66 -24.51 -6.71 4.82
N PHE D 67 -25.44 -5.97 5.43
CA PHE D 67 -26.85 -6.36 5.51
C PHE D 67 -27.64 -5.25 4.82
N SER D 68 -28.32 -5.59 3.72
CA SER D 68 -29.06 -4.59 2.96
C SER D 68 -30.39 -5.12 2.47
N PHE D 69 -31.43 -4.28 2.52
CA PHE D 69 -32.70 -4.66 1.92
C PHE D 69 -32.60 -4.68 0.41
N ASP D 70 -31.61 -4.01 -0.16
CA ASP D 70 -31.34 -4.03 -1.59
C ASP D 70 -30.40 -5.19 -1.86
N ALA D 71 -30.91 -6.22 -2.55
CA ALA D 71 -30.11 -7.40 -2.83
C ALA D 71 -28.79 -7.04 -3.49
N THR D 72 -28.76 -5.97 -4.29
CA THR D 72 -27.54 -5.56 -4.97
C THR D 72 -26.43 -5.24 -3.99
N PHE D 73 -26.78 -4.73 -2.80
CA PHE D 73 -25.79 -4.31 -1.82
C PHE D 73 -25.69 -5.26 -0.63
N HIS D 74 -26.35 -6.41 -0.69
CA HIS D 74 -26.44 -7.33 0.44
C HIS D 74 -25.30 -8.35 0.42
N ALA D 75 -24.81 -8.70 1.62
CA ALA D 75 -23.82 -9.77 1.81
C ALA D 75 -22.47 -9.44 1.18
N LYS D 76 -22.08 -8.17 1.19
CA LYS D 76 -20.82 -7.75 0.59
C LYS D 76 -19.73 -7.65 1.66
N LYS D 77 -18.48 -7.71 1.20
CA LYS D 77 -17.31 -7.78 2.07
C LYS D 77 -16.37 -6.62 1.77
N GLN D 78 -15.36 -6.45 2.63
CA GLN D 78 -14.42 -5.35 2.49
C GLN D 78 -13.06 -5.78 3.02
N ILE D 79 -12.00 -5.36 2.32
CA ILE D 79 -10.63 -5.50 2.80
C ILE D 79 -9.98 -4.12 2.79
N PRO D 80 -9.39 -3.67 3.90
CA PRO D 80 -8.69 -2.38 3.88
C PRO D 80 -7.39 -2.50 3.11
N CYS D 81 -6.74 -1.37 2.90
CA CYS D 81 -5.56 -1.33 2.05
C CYS D 81 -4.48 -0.48 2.72
N ILE D 82 -3.42 -1.13 3.21
CA ILE D 82 -2.31 -0.45 3.89
C ILE D 82 -1.29 -0.05 2.85
N VAL D 83 -0.97 1.24 2.77
CA VAL D 83 0.04 1.73 1.82
C VAL D 83 1.17 2.38 2.59
N SER D 84 2.33 1.72 2.64
CA SER D 84 3.42 2.20 3.48
C SER D 84 4.61 2.64 2.64
N MET D 85 4.93 3.93 2.73
CA MET D 85 6.25 4.45 2.38
C MET D 85 7.10 4.74 3.62
N LEU D 86 6.83 4.06 4.74
CA LEU D 86 7.62 4.24 5.94
C LEU D 86 8.99 3.59 5.79
N THR D 87 9.98 4.14 6.50
CA THR D 87 11.35 3.63 6.47
C THR D 87 11.77 3.01 7.80
N LYS D 88 10.89 3.01 8.80
CA LYS D 88 11.23 2.45 10.11
C LYS D 88 9.98 1.85 10.72
N GLU D 89 10.18 1.04 11.76
CA GLU D 89 9.06 0.49 12.51
C GLU D 89 8.47 1.58 13.40
N LEU D 90 7.18 1.49 13.66
CA LEU D 90 6.48 2.53 14.41
C LEU D 90 5.81 1.90 15.62
N TYR D 91 6.24 2.30 16.82
CA TYR D 91 5.70 1.80 18.08
C TYR D 91 5.10 2.96 18.86
N PHE D 92 3.87 2.79 19.34
CA PHE D 92 3.28 3.85 20.15
C PHE D 92 3.67 3.75 21.62
N TYR D 93 4.44 2.73 22.01
CA TYR D 93 4.91 2.56 23.37
C TYR D 93 6.40 2.86 23.45
N HIS D 94 6.92 2.91 24.67
CA HIS D 94 8.33 3.29 24.91
C HIS D 94 9.29 2.17 24.54
N VAL E 2 24.73 4.81 -16.60
CA VAL E 2 24.81 3.75 -15.60
C VAL E 2 23.43 3.57 -14.98
N ASP E 3 22.88 4.63 -14.38
CA ASP E 3 21.49 4.57 -13.85
C ASP E 3 20.43 4.95 -14.90
N ORN E 4 19.39 4.12 -15.02
CA ORN E 4 18.36 4.31 -16.03
CB ORN E 4 18.40 3.27 -17.14
CG ORN E 4 19.80 3.01 -17.69
CD ORN E 4 20.27 4.19 -18.54
NE ORN E 4 19.36 4.64 -19.56
C ORN E 4 16.92 4.23 -15.41
O ORN E 4 16.84 3.65 -14.30
N VAL E 5 15.87 4.71 -16.06
CA VAL E 5 14.56 4.61 -15.45
C VAL E 5 13.72 3.52 -16.13
N ASA E 6 12.84 2.88 -15.34
CA ASA E 6 11.87 1.87 -15.82
C ASA E 6 10.45 2.41 -15.91
O ASA E 6 9.62 1.87 -16.65
CB ASA E 6 11.80 0.66 -14.89
CG ASA E 6 12.92 -0.32 -15.11
OD1 ASA E 6 13.43 -0.44 -16.25
OD2 ASA E 6 13.21 -1.07 -14.15
N VAL F 2 -28.08 0.05 10.28
CA VAL F 2 -28.20 0.03 8.82
C VAL F 2 -26.86 0.26 8.09
N ASP F 3 -26.49 -0.66 7.19
CA ASP F 3 -25.22 -0.56 6.45
C ASP F 3 -25.33 0.32 5.20
N ORN F 4 -24.39 1.25 5.05
CA ORN F 4 -24.39 2.18 3.92
CB ORN F 4 -24.86 3.58 4.32
CG ORN F 4 -26.19 3.61 5.04
CD ORN F 4 -27.32 3.54 4.02
NE ORN F 4 -28.66 3.84 4.50
C ORN F 4 -22.97 2.36 3.29
O ORN F 4 -21.99 2.21 4.06
N VAL F 5 -22.87 2.69 2.00
CA VAL F 5 -21.54 2.91 1.40
C VAL F 5 -21.10 4.36 1.46
N ASA F 6 -19.78 4.57 1.60
CA ASA F 6 -19.12 5.87 1.46
C ASA F 6 -18.37 6.03 0.15
O ASA F 6 -18.12 7.16 -0.28
CB ASA F 6 -18.09 6.12 2.56
CG ASA F 6 -18.69 6.48 3.88
OD1 ASA F 6 -19.78 7.10 3.92
OD2 ASA F 6 -18.02 6.17 4.90
#